data_1BIB
#
_entry.id   1BIB
#
_cell.length_a   114.100
_cell.length_b   114.100
_cell.length_c   60.000
_cell.angle_alpha   90.00
_cell.angle_beta   90.00
_cell.angle_gamma   90.00
#
_symmetry.space_group_name_H-M   'P 43 21 2'
#
loop_
_entity.id
_entity.type
_entity.pdbx_description
1 polymer 'BIR A'
2 non-polymer BIOTIN
3 water water
#
_entity_poly.entity_id   1
_entity_poly.type   'polypeptide(L)'
_entity_poly.pdbx_seq_one_letter_code
;MKDNTVPLKLIALLANGEFHSGEQLGETLGMSRAAINKHIQTLRDWGVDVFTVPGKGYSLPEPIQLLNAKQILGQLDGGS
VAVLPVIDSTNQYLLDRIGELKSGDACIAEYQQAGRGRRGRKWFSPFGANLYLSMFWRLEQGPAAAIGLSLVIGIVMAEV
LRKLGADKVRVKWPNDLYLQDRKLAGILVELTGKTGDAAQIVIGAGINMAMRRVEESVVNQGWITLQEAGINLDRNTLAA
MLIRELRAALELFEQEGLAPYLSRWEKLDNFINRPVKLIIGDKEIFGISRGIDKQGALLLEQDGIIKPWMGGEISLRSAE
K
;
_entity_poly.pdbx_strand_id   A
#
loop_
_chem_comp.id
_chem_comp.type
_chem_comp.name
_chem_comp.formula
BTN non-polymer BIOTIN 'C10 H16 N2 O3 S'
#
# COMPACT_ATOMS: atom_id res chain seq x y z
N LYS A 2 -15.24 -15.61 -6.17
CA LYS A 2 -16.17 -14.90 -7.04
C LYS A 2 -15.56 -14.43 -8.35
N ASP A 3 -16.32 -14.65 -9.43
CA ASP A 3 -15.90 -14.27 -10.73
C ASP A 3 -16.31 -12.84 -11.09
N ASN A 4 -15.30 -11.97 -11.12
CA ASN A 4 -15.47 -10.56 -11.41
C ASN A 4 -14.97 -10.16 -12.75
N THR A 5 -14.60 -11.15 -13.53
CA THR A 5 -14.09 -10.89 -14.85
C THR A 5 -14.80 -9.86 -15.71
N VAL A 6 -16.08 -10.07 -16.03
CA VAL A 6 -16.74 -9.08 -16.88
C VAL A 6 -16.50 -7.59 -16.52
N PRO A 7 -16.96 -7.14 -15.37
CA PRO A 7 -16.75 -5.74 -15.06
C PRO A 7 -15.26 -5.34 -15.24
N LEU A 8 -14.36 -6.21 -14.90
CA LEU A 8 -12.96 -5.87 -15.12
C LEU A 8 -12.69 -5.67 -16.63
N LYS A 9 -13.10 -6.65 -17.42
CA LYS A 9 -12.97 -6.53 -18.86
C LYS A 9 -13.62 -5.22 -19.24
N LEU A 10 -14.79 -5.05 -18.68
CA LEU A 10 -15.53 -3.84 -18.87
C LEU A 10 -14.65 -2.65 -18.56
N ILE A 11 -14.25 -2.54 -17.30
CA ILE A 11 -13.43 -1.42 -16.89
C ILE A 11 -12.27 -1.27 -17.84
N ALA A 12 -11.73 -2.40 -18.20
CA ALA A 12 -10.67 -2.32 -19.15
C ALA A 12 -11.07 -1.49 -20.38
N LEU A 13 -12.21 -1.76 -21.05
CA LEU A 13 -12.46 -0.93 -22.24
C LEU A 13 -12.57 0.53 -21.90
N LEU A 14 -13.40 0.83 -20.94
CA LEU A 14 -13.61 2.22 -20.57
C LEU A 14 -12.37 3.03 -20.21
N ALA A 15 -11.30 2.29 -19.91
CA ALA A 15 -9.98 2.75 -19.49
C ALA A 15 -9.44 4.02 -20.13
N ASN A 16 -9.43 3.99 -21.46
CA ASN A 16 -8.93 5.08 -22.28
C ASN A 16 -9.70 6.37 -22.13
N GLY A 17 -10.39 6.54 -21.01
CA GLY A 17 -11.16 7.75 -20.73
C GLY A 17 -11.93 8.35 -21.90
N GLU A 18 -12.41 7.47 -22.81
CA GLU A 18 -13.21 7.90 -23.95
C GLU A 18 -14.69 7.59 -23.73
N PHE A 19 -15.48 7.84 -24.75
CA PHE A 19 -16.87 7.54 -24.63
C PHE A 19 -17.12 6.16 -25.20
N HIS A 20 -18.03 5.41 -24.54
CA HIS A 20 -18.38 4.09 -25.00
C HIS A 20 -19.84 3.76 -24.79
N SER A 21 -20.46 3.40 -25.93
CA SER A 21 -21.84 2.97 -26.09
C SER A 21 -21.96 1.47 -25.84
N GLY A 22 -23.05 1.09 -25.19
CA GLY A 22 -23.26 -0.31 -24.94
C GLY A 22 -23.16 -1.04 -26.28
N GLU A 23 -23.75 -0.44 -27.32
CA GLU A 23 -23.68 -1.13 -28.60
C GLU A 23 -22.25 -1.46 -28.88
N GLN A 24 -21.42 -0.42 -28.81
CA GLN A 24 -20.00 -0.52 -29.02
C GLN A 24 -19.48 -1.74 -28.25
N LEU A 25 -19.58 -1.54 -26.93
CA LEU A 25 -19.17 -2.49 -25.91
C LEU A 25 -19.65 -3.90 -26.12
N GLY A 26 -20.98 -4.06 -26.08
CA GLY A 26 -21.63 -5.36 -26.22
C GLY A 26 -21.01 -6.26 -27.27
N GLU A 27 -20.58 -5.58 -28.36
CA GLU A 27 -19.93 -6.18 -29.52
C GLU A 27 -18.82 -7.06 -29.04
N THR A 28 -17.82 -6.32 -28.62
CA THR A 28 -16.57 -6.80 -28.09
C THR A 28 -16.70 -7.82 -26.96
N LEU A 29 -17.66 -7.56 -26.06
CA LEU A 29 -17.90 -8.43 -24.93
C LEU A 29 -18.74 -9.62 -25.32
N GLY A 30 -19.64 -9.35 -26.26
CA GLY A 30 -20.51 -10.38 -26.76
C GLY A 30 -21.70 -10.56 -25.85
N MET A 31 -22.43 -9.49 -25.67
CA MET A 31 -23.61 -9.57 -24.85
C MET A 31 -24.57 -8.40 -24.99
N SER A 32 -25.73 -8.62 -24.46
CA SER A 32 -26.79 -7.64 -24.48
C SER A 32 -26.35 -6.27 -23.98
N ARG A 33 -26.87 -5.19 -24.55
CA ARG A 33 -26.54 -3.88 -24.00
C ARG A 33 -27.13 -3.87 -22.60
N ALA A 34 -28.18 -4.61 -22.47
CA ALA A 34 -28.81 -4.73 -21.18
C ALA A 34 -27.85 -5.42 -20.22
N ALA A 35 -27.14 -6.42 -20.72
CA ALA A 35 -26.17 -7.11 -19.91
C ALA A 35 -25.21 -6.04 -19.42
N ILE A 36 -24.68 -5.28 -20.38
CA ILE A 36 -23.77 -4.21 -20.07
C ILE A 36 -24.35 -3.27 -19.06
N ASN A 37 -25.46 -2.73 -19.37
CA ASN A 37 -25.91 -1.87 -18.33
C ASN A 37 -25.64 -2.52 -16.97
N LYS A 38 -25.98 -3.80 -16.86
CA LYS A 38 -25.80 -4.53 -15.61
C LYS A 38 -24.43 -4.37 -14.99
N HIS A 39 -23.39 -4.70 -15.76
CA HIS A 39 -22.05 -4.57 -15.26
C HIS A 39 -21.72 -3.11 -14.99
N ILE A 40 -22.06 -2.24 -15.92
CA ILE A 40 -21.80 -0.85 -15.63
C ILE A 40 -22.18 -0.50 -14.18
N GLN A 41 -23.24 -1.09 -13.73
CA GLN A 41 -23.69 -0.77 -12.39
C GLN A 41 -22.67 -1.16 -11.31
N THR A 42 -22.10 -2.34 -11.47
CA THR A 42 -21.08 -2.82 -10.57
C THR A 42 -19.92 -1.81 -10.49
N LEU A 43 -19.31 -1.49 -11.63
CA LEU A 43 -18.23 -0.52 -11.63
C LEU A 43 -18.71 0.64 -10.78
N ARG A 44 -19.89 1.06 -11.10
CA ARG A 44 -20.43 2.09 -10.30
C ARG A 44 -20.37 1.69 -8.83
N ASP A 45 -20.72 0.46 -8.54
CA ASP A 45 -20.72 0.04 -7.15
C ASP A 45 -19.36 0.14 -6.50
N TRP A 46 -18.36 -0.17 -7.28
CA TRP A 46 -16.99 -0.08 -6.85
C TRP A 46 -16.52 1.34 -6.70
N GLY A 47 -17.39 2.33 -6.88
CA GLY A 47 -16.93 3.69 -6.80
C GLY A 47 -16.28 4.12 -8.12
N VAL A 48 -16.51 3.33 -9.16
CA VAL A 48 -15.93 3.71 -10.42
C VAL A 48 -16.65 4.89 -10.94
N ASP A 49 -15.95 5.83 -11.49
CA ASP A 49 -16.64 6.96 -12.01
C ASP A 49 -17.06 6.76 -13.44
N VAL A 50 -18.32 6.40 -13.63
CA VAL A 50 -18.84 6.21 -14.97
C VAL A 50 -20.04 7.10 -15.28
N PHE A 51 -19.81 8.04 -16.20
CA PHE A 51 -20.81 9.00 -16.63
C PHE A 51 -21.57 8.39 -17.77
N THR A 52 -22.78 8.86 -17.91
CA THR A 52 -23.62 8.32 -18.95
C THR A 52 -24.44 9.37 -19.68
N VAL A 53 -24.06 9.64 -20.92
CA VAL A 53 -24.76 10.60 -21.73
C VAL A 53 -25.62 9.89 -22.76
N PRO A 54 -26.92 9.80 -22.48
CA PRO A 54 -27.85 9.16 -23.38
C PRO A 54 -27.38 9.11 -24.82
N GLY A 55 -27.29 10.28 -25.42
CA GLY A 55 -26.87 10.30 -26.80
C GLY A 55 -25.48 9.72 -26.98
N LYS A 56 -24.60 10.07 -26.07
CA LYS A 56 -23.19 9.72 -26.09
C LYS A 56 -22.77 8.25 -25.81
N GLY A 57 -23.11 7.79 -24.61
CA GLY A 57 -22.81 6.47 -24.13
C GLY A 57 -22.27 6.57 -22.70
N TYR A 58 -21.15 5.91 -22.52
CA TYR A 58 -20.57 5.98 -21.21
C TYR A 58 -19.13 6.34 -21.23
N SER A 59 -18.69 6.81 -20.10
CA SER A 59 -17.30 7.16 -20.00
C SER A 59 -16.86 7.32 -18.56
N LEU A 60 -15.55 7.58 -18.45
CA LEU A 60 -14.84 7.85 -17.22
C LEU A 60 -14.36 9.27 -17.28
N PRO A 61 -14.43 9.91 -16.12
CA PRO A 61 -13.97 11.26 -15.94
C PRO A 61 -12.52 11.41 -16.38
N GLU A 62 -11.70 10.37 -16.20
CA GLU A 62 -10.34 10.51 -16.66
C GLU A 62 -9.76 9.14 -16.92
N PRO A 63 -8.89 9.02 -17.92
CA PRO A 63 -8.29 7.74 -18.13
C PRO A 63 -7.66 7.31 -16.85
N ILE A 64 -7.53 6.02 -16.80
CA ILE A 64 -7.04 5.40 -15.61
C ILE A 64 -6.04 4.34 -15.99
N GLN A 65 -5.22 3.95 -15.01
CA GLN A 65 -4.30 2.86 -15.21
C GLN A 65 -4.78 1.68 -14.40
N LEU A 66 -4.56 0.48 -14.90
CA LEU A 66 -5.04 -0.67 -14.21
C LEU A 66 -3.99 -1.67 -13.88
N LEU A 67 -4.20 -2.42 -12.80
CA LEU A 67 -3.17 -3.37 -12.52
C LEU A 67 -3.18 -4.31 -13.70
N ASN A 68 -2.05 -4.96 -13.93
CA ASN A 68 -1.85 -5.93 -14.98
C ASN A 68 -0.77 -6.90 -14.58
N ALA A 69 -1.25 -8.05 -14.15
CA ALA A 69 -0.36 -9.08 -13.75
C ALA A 69 0.77 -9.36 -14.71
N LYS A 70 0.40 -9.30 -15.96
CA LYS A 70 1.34 -9.57 -17.02
C LYS A 70 2.51 -8.65 -16.85
N GLN A 71 2.14 -7.37 -16.79
CA GLN A 71 3.14 -6.39 -16.64
C GLN A 71 3.88 -6.59 -15.32
N ILE A 72 3.10 -6.82 -14.26
CA ILE A 72 3.72 -6.99 -12.99
C ILE A 72 4.67 -8.15 -12.99
N LEU A 73 4.14 -9.35 -13.25
CA LEU A 73 4.99 -10.52 -13.25
C LEU A 73 6.07 -10.47 -14.27
N GLY A 74 5.88 -9.61 -15.24
CA GLY A 74 6.83 -9.43 -16.29
C GLY A 74 8.21 -9.03 -15.80
N GLN A 75 8.19 -8.03 -14.95
CA GLN A 75 9.39 -7.51 -14.35
C GLN A 75 9.70 -8.17 -13.03
N LEU A 76 9.30 -9.41 -12.86
CA LEU A 76 9.59 -10.04 -11.58
C LEU A 76 10.17 -11.42 -11.74
N ASP A 77 11.18 -11.68 -10.93
CA ASP A 77 11.80 -12.96 -10.96
C ASP A 77 11.33 -13.83 -9.83
N GLY A 78 10.40 -14.71 -10.15
CA GLY A 78 9.87 -15.68 -9.21
C GLY A 78 8.87 -15.19 -8.19
N GLY A 79 8.78 -16.01 -7.13
CA GLY A 79 7.87 -15.81 -6.01
C GLY A 79 6.41 -15.74 -6.48
N SER A 80 5.50 -16.32 -5.70
CA SER A 80 4.14 -16.23 -6.12
C SER A 80 3.57 -14.84 -5.88
N VAL A 81 2.82 -14.32 -6.82
CA VAL A 81 2.26 -13.01 -6.59
C VAL A 81 0.88 -13.03 -7.16
N ALA A 82 -0.12 -12.60 -6.38
CA ALA A 82 -1.47 -12.64 -6.87
C ALA A 82 -1.98 -11.28 -7.13
N VAL A 83 -2.41 -11.12 -8.35
CA VAL A 83 -3.02 -9.87 -8.76
C VAL A 83 -4.54 -10.01 -8.82
N LEU A 84 -5.22 -9.30 -7.93
CA LEU A 84 -6.65 -9.36 -7.80
C LEU A 84 -7.08 -7.96 -7.63
N PRO A 85 -7.35 -7.28 -8.73
CA PRO A 85 -7.72 -5.89 -8.69
C PRO A 85 -8.82 -5.59 -7.70
N VAL A 86 -9.70 -6.58 -7.61
CA VAL A 86 -10.83 -6.56 -6.73
C VAL A 86 -10.73 -7.70 -5.76
N ILE A 87 -10.89 -7.32 -4.47
CA ILE A 87 -10.76 -8.23 -3.36
C ILE A 87 -11.37 -7.71 -2.05
N ASP A 88 -11.54 -8.66 -1.13
CA ASP A 88 -12.04 -8.41 0.22
C ASP A 88 -10.90 -7.61 0.92
N SER A 89 -9.83 -8.32 1.27
CA SER A 89 -8.66 -7.74 1.85
C SER A 89 -7.42 -8.56 1.46
N THR A 90 -6.32 -7.83 1.12
CA THR A 90 -5.01 -8.42 0.72
C THR A 90 -4.43 -9.22 1.85
N ASN A 91 -4.56 -8.68 3.07
CA ASN A 91 -4.07 -9.42 4.23
C ASN A 91 -4.86 -10.72 4.47
N GLN A 92 -6.15 -10.59 4.50
CA GLN A 92 -6.99 -11.75 4.66
C GLN A 92 -6.65 -12.81 3.62
N TYR A 93 -6.64 -12.39 2.38
CA TYR A 93 -6.29 -13.39 1.38
C TYR A 93 -5.07 -14.24 1.80
N LEU A 94 -3.98 -13.61 2.24
CA LEU A 94 -2.83 -14.42 2.60
C LEU A 94 -3.08 -15.17 3.91
N LEU A 95 -3.67 -14.44 4.86
CA LEU A 95 -3.99 -15.05 6.12
C LEU A 95 -4.66 -16.35 5.78
N ASP A 96 -5.65 -16.30 4.91
CA ASP A 96 -6.35 -17.49 4.53
C ASP A 96 -5.49 -18.63 3.97
N ARG A 97 -4.45 -18.31 3.20
CA ARG A 97 -3.59 -19.31 2.61
C ARG A 97 -2.34 -19.64 3.40
N ILE A 98 -2.23 -19.22 4.64
CA ILE A 98 -0.98 -19.45 5.39
C ILE A 98 -0.11 -20.69 5.17
N GLY A 99 -0.73 -21.85 5.13
CA GLY A 99 0.03 -23.06 4.96
C GLY A 99 0.54 -23.26 3.54
N GLU A 100 -0.01 -22.55 2.56
CA GLU A 100 0.44 -22.70 1.17
C GLU A 100 1.46 -21.69 0.72
N LEU A 101 1.99 -20.88 1.63
CA LEU A 101 2.89 -19.84 1.21
C LEU A 101 4.34 -19.99 1.60
N LYS A 102 5.09 -19.06 1.07
CA LYS A 102 6.50 -18.98 1.27
C LYS A 102 6.80 -17.54 1.48
N SER A 103 7.82 -17.30 2.26
CA SER A 103 8.14 -15.92 2.50
C SER A 103 8.41 -15.27 1.17
N GLY A 104 7.76 -14.16 0.94
CA GLY A 104 7.91 -13.48 -0.30
C GLY A 104 6.61 -13.57 -1.11
N ASP A 105 5.82 -14.66 -0.97
CA ASP A 105 4.60 -14.73 -1.75
C ASP A 105 3.79 -13.47 -1.59
N ALA A 106 3.04 -13.04 -2.60
CA ALA A 106 2.32 -11.81 -2.35
C ALA A 106 0.98 -11.69 -3.04
N CYS A 107 0.35 -10.58 -2.77
CA CYS A 107 -0.97 -10.27 -3.25
C CYS A 107 -1.14 -8.78 -3.44
N ILE A 108 -1.60 -8.39 -4.66
CA ILE A 108 -1.80 -6.99 -5.04
C ILE A 108 -3.21 -6.70 -5.54
N ALA A 109 -3.77 -5.53 -5.12
CA ALA A 109 -5.14 -5.08 -5.42
C ALA A 109 -5.31 -3.58 -5.52
N GLU A 110 -6.39 -3.07 -6.19
CA GLU A 110 -6.59 -1.62 -6.27
C GLU A 110 -7.93 -1.30 -5.75
N TYR A 111 -8.51 -2.34 -5.14
CA TYR A 111 -9.82 -2.20 -4.54
C TYR A 111 -10.05 -3.23 -3.45
N GLN A 112 -10.38 -2.79 -2.23
CA GLN A 112 -10.61 -3.73 -1.13
C GLN A 112 -12.00 -3.54 -0.60
N GLN A 113 -12.73 -4.63 -0.66
CA GLN A 113 -14.09 -4.55 -0.23
C GLN A 113 -14.26 -4.77 1.25
N ALA A 114 -13.20 -5.06 1.95
CA ALA A 114 -13.28 -5.32 3.36
C ALA A 114 -11.88 -5.22 3.93
N GLY A 115 -11.34 -4.00 3.90
CA GLY A 115 -10.01 -3.82 4.41
C GLY A 115 -9.89 -3.95 5.94
N ARG A 116 -8.86 -4.67 6.42
CA ARG A 116 -8.56 -4.84 7.84
C ARG A 116 -7.76 -3.63 8.28
N GLY A 117 -7.66 -3.34 9.58
CA GLY A 117 -6.79 -2.25 10.05
C GLY A 117 -7.22 -0.79 10.20
N ARG A 118 -8.52 -0.53 10.15
CA ARG A 118 -9.18 0.77 10.31
C ARG A 118 -9.95 1.08 9.05
N SER A 125 -12.75 4.34 0.05
CA SER A 125 -11.63 4.12 -0.91
C SER A 125 -12.00 3.42 -2.26
N PRO A 126 -12.28 4.25 -3.26
CA PRO A 126 -12.69 3.81 -4.58
C PRO A 126 -11.67 3.00 -5.38
N PHE A 127 -12.23 2.13 -6.18
CA PHE A 127 -11.41 1.30 -6.99
C PHE A 127 -10.26 2.12 -7.58
N GLY A 128 -9.05 1.50 -7.62
CA GLY A 128 -7.85 2.07 -8.22
C GLY A 128 -7.37 3.41 -7.64
N ALA A 129 -8.01 3.85 -6.59
CA ALA A 129 -7.55 5.07 -5.99
C ALA A 129 -6.38 4.77 -5.05
N ASN A 130 -6.19 3.50 -4.73
CA ASN A 130 -5.13 3.14 -3.82
C ASN A 130 -4.44 1.90 -4.27
N LEU A 131 -3.28 1.66 -3.70
CA LEU A 131 -2.52 0.48 -4.04
C LEU A 131 -2.36 -0.37 -2.83
N TYR A 132 -2.72 -1.63 -2.97
CA TYR A 132 -2.66 -2.51 -1.84
C TYR A 132 -1.68 -3.62 -2.03
N LEU A 133 -0.81 -3.76 -1.06
CA LEU A 133 0.16 -4.77 -1.21
C LEU A 133 0.30 -5.52 0.07
N SER A 134 0.41 -6.84 -0.02
CA SER A 134 0.62 -7.65 1.18
C SER A 134 1.60 -8.75 0.89
N MET A 135 2.42 -9.01 1.87
CA MET A 135 3.38 -10.02 1.72
C MET A 135 3.41 -10.93 2.93
N PHE A 136 3.93 -12.10 2.71
CA PHE A 136 4.03 -13.08 3.73
C PHE A 136 5.47 -13.35 4.03
N TRP A 137 5.75 -13.63 5.26
CA TRP A 137 7.08 -13.97 5.55
C TRP A 137 7.13 -14.86 6.73
N ARG A 138 8.02 -15.84 6.68
CA ARG A 138 8.22 -16.67 7.83
C ARG A 138 9.55 -16.35 8.50
N LEU A 139 9.45 -15.74 9.64
CA LEU A 139 10.66 -15.41 10.35
C LEU A 139 11.13 -16.61 11.11
N GLU A 140 12.35 -17.05 10.83
CA GLU A 140 12.94 -18.13 11.62
C GLU A 140 13.57 -17.42 12.84
N GLN A 141 13.13 -17.85 14.05
CA GLN A 141 13.51 -17.33 15.38
C GLN A 141 12.34 -16.63 16.02
N PRO A 143 9.19 -14.20 16.86
CA PRO A 143 9.31 -12.75 17.02
C PRO A 143 10.70 -12.16 17.35
N ALA A 144 11.38 -12.11 16.23
CA ALA A 144 12.68 -11.57 15.96
C ALA A 144 12.28 -10.48 14.98
N ALA A 145 11.32 -9.66 15.40
CA ALA A 145 10.84 -8.67 14.48
C ALA A 145 10.21 -7.43 15.09
N ALA A 146 8.90 -7.56 14.76
CA ALA A 146 7.75 -6.73 15.05
C ALA A 146 8.06 -5.31 14.75
N ILE A 147 8.47 -4.60 15.81
CA ILE A 147 8.86 -3.23 15.62
C ILE A 147 10.10 -3.20 14.72
N GLY A 148 11.02 -4.10 14.90
CA GLY A 148 11.97 -3.84 13.88
C GLY A 148 11.24 -3.72 12.53
N LEU A 149 10.61 -4.82 12.21
CA LEU A 149 9.94 -5.02 10.98
C LEU A 149 9.25 -3.83 10.38
N SER A 150 8.24 -3.32 11.04
CA SER A 150 7.52 -2.23 10.41
C SER A 150 8.44 -1.12 9.90
N LEU A 151 9.54 -1.02 10.59
CA LEU A 151 10.47 0.04 10.27
C LEU A 151 11.09 -0.17 8.91
N VAL A 152 11.63 -1.33 8.75
CA VAL A 152 12.17 -1.69 7.49
C VAL A 152 11.11 -1.51 6.41
N ILE A 153 9.89 -1.94 6.69
CA ILE A 153 8.90 -1.74 5.68
C ILE A 153 8.76 -0.30 5.21
N GLY A 154 8.66 0.64 6.12
CA GLY A 154 8.49 2.01 5.63
C GLY A 154 9.73 2.57 4.95
N ILE A 155 10.91 2.07 5.36
CA ILE A 155 12.15 2.57 4.78
C ILE A 155 12.13 2.33 3.28
N VAL A 156 12.13 1.09 3.00
CA VAL A 156 12.10 0.68 1.67
C VAL A 156 11.01 1.30 0.84
N MET A 157 9.79 1.15 1.28
CA MET A 157 8.72 1.77 0.57
C MET A 157 9.09 3.20 0.27
N ALA A 158 9.49 3.98 1.28
CA ALA A 158 9.89 5.35 1.04
C ALA A 158 11.09 5.38 0.08
N GLU A 159 12.01 4.46 0.20
CA GLU A 159 13.12 4.49 -0.74
C GLU A 159 12.64 4.38 -2.16
N VAL A 160 11.94 3.26 -2.44
CA VAL A 160 11.37 3.04 -3.76
C VAL A 160 10.57 4.25 -4.31
N LEU A 161 9.70 4.77 -3.47
CA LEU A 161 8.94 5.88 -3.95
C LEU A 161 9.91 6.96 -4.49
N ARG A 162 10.94 7.13 -3.71
CA ARG A 162 11.88 8.14 -4.09
C ARG A 162 12.49 7.92 -5.44
N LYS A 163 12.93 6.70 -5.66
CA LYS A 163 13.52 6.31 -6.91
C LYS A 163 12.55 6.63 -8.00
N LEU A 164 11.34 6.21 -7.83
CA LEU A 164 10.52 6.58 -8.92
C LEU A 164 10.25 8.07 -8.94
N GLY A 165 10.93 8.86 -8.15
CA GLY A 165 10.61 10.27 -8.37
C GLY A 165 9.87 11.09 -7.32
N ALA A 166 9.32 10.49 -6.24
CA ALA A 166 8.64 11.25 -5.16
C ALA A 166 9.70 11.50 -4.06
N ASP A 167 10.36 12.61 -4.17
CA ASP A 167 11.45 12.74 -3.27
C ASP A 167 11.11 13.19 -1.89
N LYS A 168 10.11 13.98 -1.71
CA LYS A 168 9.95 14.40 -0.36
C LYS A 168 9.22 13.41 0.59
N VAL A 169 9.14 12.14 0.18
CA VAL A 169 8.42 11.22 1.02
C VAL A 169 9.20 10.96 2.26
N ARG A 170 8.52 10.81 3.42
CA ARG A 170 9.16 10.53 4.69
C ARG A 170 8.46 9.46 5.45
N VAL A 171 9.17 8.99 6.48
CA VAL A 171 8.63 7.97 7.37
C VAL A 171 8.19 8.52 8.71
N LYS A 172 7.18 7.88 9.25
CA LYS A 172 6.70 8.30 10.53
C LYS A 172 6.70 7.13 11.50
N TRP A 173 7.53 7.23 12.56
CA TRP A 173 7.63 6.17 13.51
C TRP A 173 6.27 5.75 14.03
N PRO A 174 5.91 4.48 13.87
CA PRO A 174 6.78 3.47 13.27
C PRO A 174 6.13 2.88 12.05
N ASN A 175 5.08 3.48 11.50
CA ASN A 175 4.41 2.78 10.41
C ASN A 175 3.65 3.55 9.32
N ASP A 176 3.94 4.79 9.01
CA ASP A 176 3.22 5.41 7.91
C ASP A 176 4.22 6.10 7.06
N LEU A 177 3.82 6.43 5.87
CA LEU A 177 4.73 7.18 5.04
C LEU A 177 4.17 8.54 5.07
N TYR A 178 4.95 9.61 4.91
CA TYR A 178 4.41 10.95 4.96
C TYR A 178 4.93 11.78 3.87
N LEU A 179 4.03 12.67 3.39
CA LEU A 179 4.28 13.59 2.31
C LEU A 179 3.64 14.89 2.67
N GLN A 180 4.47 15.95 2.69
CA GLN A 180 4.04 17.24 3.15
C GLN A 180 3.26 17.19 4.49
N ASP A 181 3.73 16.31 5.38
CA ASP A 181 3.20 16.16 6.67
C ASP A 181 1.81 15.65 6.65
N ARG A 182 1.54 14.87 5.62
CA ARG A 182 0.26 14.23 5.44
C ARG A 182 0.48 12.75 5.28
N LYS A 183 -0.54 12.02 5.67
CA LYS A 183 -0.40 10.58 5.54
C LYS A 183 -0.53 10.07 4.09
N LEU A 184 0.42 9.29 3.62
CA LEU A 184 0.32 8.82 2.28
C LEU A 184 0.18 7.31 2.21
N ALA A 185 0.77 6.61 3.17
CA ALA A 185 0.64 5.15 3.18
C ALA A 185 0.59 4.63 4.57
N GLY A 186 0.18 3.37 4.69
CA GLY A 186 0.08 2.80 6.00
C GLY A 186 0.41 1.35 6.03
N ILE A 187 1.37 1.01 6.88
CA ILE A 187 1.75 -0.36 7.01
C ILE A 187 0.85 -1.00 8.06
N LEU A 188 0.70 -2.31 7.99
CA LEU A 188 -0.03 -3.09 8.96
C LEU A 188 0.63 -4.48 9.13
N VAL A 189 1.12 -4.79 10.31
CA VAL A 189 1.68 -6.10 10.48
C VAL A 189 0.75 -6.98 11.34
N GLU A 190 0.81 -8.26 11.03
CA GLU A 190 0.00 -9.24 11.73
C GLU A 190 0.81 -10.47 12.00
N LEU A 191 0.99 -10.83 13.26
CA LEU A 191 1.73 -12.05 13.62
C LEU A 191 0.78 -13.23 13.71
N THR A 192 1.34 -14.41 13.58
CA THR A 192 0.59 -15.62 13.69
C THR A 192 1.42 -16.58 14.49
N GLY A 193 0.82 -17.01 15.63
CA GLY A 193 1.40 -17.95 16.59
C GLY A 193 1.22 -19.39 16.09
N ALA A 198 9.26 -20.27 14.96
CA ALA A 198 8.95 -19.67 13.67
C ALA A 198 7.70 -18.83 13.70
N ALA A 199 7.89 -17.58 13.33
CA ALA A 199 6.81 -16.63 13.26
C ALA A 199 6.28 -16.55 11.84
N GLN A 200 5.00 -16.35 11.74
CA GLN A 200 4.42 -16.20 10.43
C GLN A 200 3.81 -14.84 10.37
N ILE A 201 4.34 -13.98 9.56
CA ILE A 201 3.74 -12.65 9.52
C ILE A 201 3.13 -12.36 8.20
N VAL A 202 2.21 -11.41 8.14
CA VAL A 202 1.56 -10.98 6.93
C VAL A 202 1.67 -9.47 6.93
N ILE A 203 2.41 -8.92 5.98
CA ILE A 203 2.64 -7.50 5.90
C ILE A 203 1.65 -6.95 4.93
N GLY A 204 1.17 -5.74 5.16
CA GLY A 204 0.21 -5.19 4.27
C GLY A 204 0.29 -3.70 4.22
N ALA A 205 0.30 -3.16 3.05
CA ALA A 205 0.39 -1.74 3.00
C ALA A 205 -0.55 -1.26 1.94
N GLY A 206 -0.98 0.01 2.13
CA GLY A 206 -1.90 0.73 1.23
C GLY A 206 -1.33 2.11 0.88
N ILE A 207 -1.30 2.46 -0.37
CA ILE A 207 -0.75 3.75 -0.68
C ILE A 207 -1.78 4.56 -1.35
N ASN A 208 -1.70 5.85 -1.16
CA ASN A 208 -2.64 6.79 -1.74
C ASN A 208 -2.16 7.36 -3.05
N MET A 209 -2.73 6.76 -4.08
CA MET A 209 -2.40 7.03 -5.44
C MET A 209 -3.02 8.24 -6.02
N ALA A 210 -4.33 8.18 -5.88
CA ALA A 210 -5.15 9.18 -6.47
C ALA A 210 -6.42 9.40 -5.74
N MET A 211 -6.93 10.59 -5.99
CA MET A 211 -8.19 11.10 -5.47
C MET A 211 -8.60 12.22 -6.41
N TRP A 223 -6.07 12.74 2.86
CA TRP A 223 -4.95 13.32 3.56
C TRP A 223 -3.75 12.95 2.74
N ILE A 224 -3.58 13.63 1.62
CA ILE A 224 -2.45 13.42 0.73
C ILE A 224 -2.34 12.16 -0.15
N THR A 225 -2.17 12.41 -1.46
CA THR A 225 -2.06 11.41 -2.51
C THR A 225 -0.98 11.69 -3.50
N LEU A 226 -0.40 10.63 -4.05
CA LEU A 226 0.64 10.88 -5.02
C LEU A 226 0.19 11.85 -6.11
N GLN A 227 -1.00 11.55 -6.66
CA GLN A 227 -1.53 12.35 -7.73
C GLN A 227 -1.45 13.78 -7.29
N GLU A 228 -2.25 14.00 -6.24
CA GLU A 228 -2.44 15.27 -5.56
C GLU A 228 -1.16 16.02 -5.43
N ALA A 229 -0.06 15.30 -5.39
CA ALA A 229 1.22 15.96 -5.27
C ALA A 229 1.98 15.89 -6.60
N GLY A 230 1.21 15.85 -7.68
CA GLY A 230 1.78 15.81 -9.01
C GLY A 230 2.61 14.58 -9.29
N ILE A 231 2.54 13.56 -8.50
CA ILE A 231 3.32 12.41 -8.88
C ILE A 231 2.34 11.40 -9.46
N ASN A 232 2.70 10.90 -10.65
CA ASN A 232 1.89 9.93 -11.33
C ASN A 232 2.66 8.67 -11.67
N LEU A 233 2.87 7.84 -10.70
CA LEU A 233 3.65 6.68 -10.98
C LEU A 233 2.89 5.57 -11.69
N ASP A 234 3.65 4.74 -12.42
CA ASP A 234 3.07 3.60 -13.10
C ASP A 234 2.87 2.56 -12.02
N ARG A 235 1.60 2.29 -11.72
CA ARG A 235 1.31 1.32 -10.70
C ARG A 235 1.93 -0.02 -10.89
N ASN A 236 2.02 -0.49 -12.16
CA ASN A 236 2.60 -1.82 -12.40
C ASN A 236 4.05 -1.88 -12.00
N THR A 237 4.66 -0.73 -12.19
CA THR A 237 6.06 -0.56 -11.87
C THR A 237 6.23 -0.61 -10.37
N LEU A 238 5.57 0.38 -9.72
CA LEU A 238 5.57 0.48 -8.25
C LEU A 238 5.33 -0.87 -7.63
N ALA A 239 4.24 -1.46 -8.06
CA ALA A 239 3.91 -2.75 -7.57
C ALA A 239 5.18 -3.58 -7.55
N ALA A 240 5.71 -3.78 -8.74
CA ALA A 240 6.92 -4.60 -9.02
C ALA A 240 8.20 -4.31 -8.19
N MET A 241 8.49 -3.01 -8.14
CA MET A 241 9.64 -2.54 -7.42
C MET A 241 9.55 -2.95 -5.97
N LEU A 242 8.42 -2.58 -5.34
CA LEU A 242 8.17 -2.94 -3.97
C LEU A 242 8.34 -4.40 -3.72
N ILE A 243 7.75 -5.22 -4.58
CA ILE A 243 7.86 -6.61 -4.24
C ILE A 243 9.29 -7.03 -4.17
N ARG A 244 9.97 -6.52 -5.17
CA ARG A 244 11.38 -6.82 -5.33
C ARG A 244 12.17 -6.34 -4.15
N GLU A 245 12.12 -5.07 -3.99
CA GLU A 245 12.79 -4.41 -2.94
C GLU A 245 12.49 -4.95 -1.56
N LEU A 246 11.25 -5.35 -1.36
CA LEU A 246 10.76 -5.87 -0.10
C LEU A 246 11.39 -7.16 0.23
N ARG A 247 11.30 -8.06 -0.71
CA ARG A 247 11.94 -9.34 -0.46
C ARG A 247 13.44 -9.20 -0.18
N ALA A 248 14.05 -8.21 -0.77
CA ALA A 248 15.45 -8.02 -0.53
C ALA A 248 15.63 -7.60 0.91
N ALA A 249 14.89 -6.53 1.22
CA ALA A 249 14.93 -5.96 2.56
C ALA A 249 14.66 -7.02 3.57
N LEU A 250 13.60 -7.75 3.37
CA LEU A 250 13.31 -8.77 4.34
C LEU A 250 14.39 -9.80 4.47
N GLU A 251 15.08 -10.11 3.44
CA GLU A 251 16.05 -11.11 3.74
C GLU A 251 17.24 -10.46 4.39
N LEU A 252 17.39 -9.21 4.08
CA LEU A 252 18.49 -8.57 4.74
C LEU A 252 18.22 -8.56 6.22
N PHE A 253 17.03 -8.10 6.57
CA PHE A 253 16.59 -7.99 7.95
C PHE A 253 16.63 -9.30 8.71
N GLU A 254 16.18 -10.34 8.02
CA GLU A 254 16.11 -11.67 8.60
C GLU A 254 17.43 -12.13 9.14
N GLN A 255 18.53 -11.51 8.70
CA GLN A 255 19.84 -11.90 9.20
C GLN A 255 20.75 -10.79 9.70
N GLU A 256 20.22 -9.65 10.05
CA GLU A 256 21.12 -8.62 10.48
C GLU A 256 20.32 -7.60 11.24
N GLY A 257 19.02 -7.91 11.32
CA GLY A 257 18.02 -7.10 11.97
C GLY A 257 18.07 -5.64 11.54
N LEU A 258 17.80 -4.77 12.48
CA LEU A 258 17.77 -3.36 12.20
C LEU A 258 19.07 -2.66 11.73
N ALA A 259 20.17 -2.95 12.38
CA ALA A 259 21.45 -2.32 12.12
C ALA A 259 21.68 -1.67 10.76
N PRO A 260 21.56 -2.50 9.74
CA PRO A 260 21.75 -2.05 8.38
C PRO A 260 20.82 -0.93 7.97
N TYR A 261 19.82 -0.59 8.80
CA TYR A 261 18.91 0.46 8.38
C TYR A 261 18.93 1.71 9.16
N LEU A 262 19.65 1.62 10.25
CA LEU A 262 19.72 2.74 11.14
C LEU A 262 19.97 4.07 10.52
N SER A 263 20.91 4.13 9.64
CA SER A 263 21.21 5.38 8.99
C SER A 263 20.12 5.86 8.06
N ARG A 264 19.44 4.87 7.44
CA ARG A 264 18.37 5.08 6.48
C ARG A 264 17.17 5.63 7.19
N TRP A 265 16.90 5.05 8.33
CA TRP A 265 15.81 5.57 9.07
C TRP A 265 15.99 7.05 9.27
N GLU A 266 17.09 7.31 9.87
CA GLU A 266 17.40 8.66 10.23
C GLU A 266 17.21 9.65 9.10
N LYS A 267 17.68 9.29 7.93
CA LYS A 267 17.58 10.27 6.84
C LYS A 267 16.14 10.57 6.37
N LEU A 268 15.29 9.56 6.57
CA LEU A 268 13.91 9.54 6.20
C LEU A 268 12.99 10.01 7.32
N ASP A 269 13.43 9.92 8.57
CA ASP A 269 12.60 10.31 9.65
C ASP A 269 11.87 11.67 9.47
N ASN A 270 10.56 11.62 9.48
CA ASN A 270 9.82 12.85 9.26
C ASN A 270 9.84 13.77 10.46
N PHE A 271 9.87 13.17 11.65
CA PHE A 271 9.77 13.96 12.84
C PHE A 271 11.06 14.19 13.55
N ILE A 272 12.03 13.40 13.13
CA ILE A 272 13.28 13.46 13.81
C ILE A 272 13.59 14.88 14.09
N ASN A 273 13.97 15.12 15.34
CA ASN A 273 14.28 16.45 15.83
C ASN A 273 13.11 17.41 15.84
N ARG A 274 11.92 16.92 15.67
CA ARG A 274 10.82 17.85 15.73
C ARG A 274 10.11 17.58 17.00
N PRO A 275 9.31 18.53 17.38
CA PRO A 275 8.53 18.39 18.59
C PRO A 275 7.29 17.55 18.33
N VAL A 276 7.13 16.47 19.07
CA VAL A 276 5.97 15.67 18.86
C VAL A 276 5.07 15.55 20.09
N LYS A 277 4.09 14.73 20.00
CA LYS A 277 3.24 14.49 21.13
C LYS A 277 2.99 13.02 21.06
N LEU A 278 3.37 12.29 22.05
CA LEU A 278 3.20 10.88 21.99
C LEU A 278 2.07 10.50 22.90
N ILE A 279 1.22 9.69 22.34
CA ILE A 279 0.03 9.22 23.00
C ILE A 279 0.14 7.72 23.20
N ILE A 280 0.44 7.30 24.44
CA ILE A 280 0.50 5.90 24.82
C ILE A 280 -0.66 5.59 25.79
N GLY A 281 -1.68 4.87 25.30
CA GLY A 281 -2.85 4.53 26.10
C GLY A 281 -3.64 5.77 26.48
N ASP A 282 -3.64 6.10 27.77
CA ASP A 282 -4.38 7.28 28.18
C ASP A 282 -3.48 8.51 28.42
N LYS A 283 -2.20 8.42 28.10
CA LYS A 283 -1.44 9.59 28.38
C LYS A 283 -0.75 10.26 27.23
N GLU A 284 -0.92 11.55 27.18
CA GLU A 284 -0.24 12.40 26.22
C GLU A 284 1.10 12.80 26.84
N ILE A 285 2.16 12.68 26.07
CA ILE A 285 3.49 13.04 26.49
C ILE A 285 4.09 13.91 25.45
N PHE A 286 4.73 14.99 25.84
CA PHE A 286 5.36 15.87 24.87
C PHE A 286 6.85 15.71 24.89
N GLY A 287 7.52 16.11 23.86
CA GLY A 287 8.96 15.94 23.83
C GLY A 287 9.48 16.23 22.43
N ILE A 288 10.81 16.17 22.25
CA ILE A 288 11.39 16.38 20.92
C ILE A 288 11.82 15.04 20.33
N SER A 289 11.52 14.78 19.08
CA SER A 289 11.91 13.48 18.57
C SER A 289 13.41 13.42 18.25
N ARG A 290 14.07 12.37 18.70
CA ARG A 290 15.47 12.18 18.40
C ARG A 290 15.69 10.85 17.69
N GLY A 291 14.69 10.38 16.92
CA GLY A 291 14.75 9.17 16.12
C GLY A 291 14.55 7.88 16.86
N ILE A 292 15.26 6.84 16.41
CA ILE A 292 15.10 5.55 17.00
C ILE A 292 16.39 4.98 17.49
N ASP A 293 16.28 4.00 18.33
CA ASP A 293 17.44 3.38 18.89
C ASP A 293 17.65 2.24 17.99
N LYS A 294 18.66 1.44 18.34
CA LYS A 294 19.07 0.25 17.59
C LYS A 294 18.02 -0.81 17.69
N GLN A 295 16.89 -0.45 18.25
CA GLN A 295 15.88 -1.46 18.40
C GLN A 295 14.60 -0.99 17.87
N GLY A 296 14.61 0.23 17.31
CA GLY A 296 13.42 0.83 16.76
C GLY A 296 12.64 1.63 17.80
N ALA A 297 13.07 1.58 19.05
CA ALA A 297 12.30 2.37 19.98
C ALA A 297 12.51 3.79 19.66
N LEU A 298 11.45 4.51 19.76
CA LEU A 298 11.61 5.90 19.49
C LEU A 298 12.41 6.53 20.65
N LEU A 299 13.05 7.63 20.42
CA LEU A 299 13.77 8.25 21.50
C LEU A 299 13.14 9.57 21.72
N LEU A 300 12.51 9.75 22.87
CA LEU A 300 11.86 11.04 23.15
C LEU A 300 12.71 11.77 24.15
N GLU A 301 13.01 13.00 23.82
CA GLU A 301 13.76 13.83 24.71
C GLU A 301 12.84 14.76 25.38
N GLN A 302 12.73 14.53 26.69
CA GLN A 302 11.96 15.42 27.55
C GLN A 302 12.78 16.06 28.66
N ASP A 303 12.67 17.36 28.73
CA ASP A 303 13.37 18.09 29.74
C ASP A 303 14.83 17.63 29.82
N GLY A 304 15.58 17.76 28.73
CA GLY A 304 16.97 17.34 28.75
C GLY A 304 17.13 15.85 29.03
N ILE A 305 16.12 15.06 28.89
CA ILE A 305 16.46 13.66 29.12
C ILE A 305 16.10 12.82 27.97
N ILE A 306 16.95 11.95 27.59
CA ILE A 306 16.46 11.20 26.47
C ILE A 306 16.23 9.81 26.87
N LYS A 307 15.05 9.33 26.57
CA LYS A 307 14.67 7.93 26.83
C LYS A 307 13.85 7.34 25.69
N PRO A 308 13.95 6.05 25.54
CA PRO A 308 13.29 5.39 24.45
C PRO A 308 11.90 4.98 24.82
N TRP A 309 11.09 4.88 23.77
CA TRP A 309 9.73 4.43 23.90
C TRP A 309 9.46 3.40 22.88
N MET A 310 8.99 2.29 23.39
CA MET A 310 8.71 1.13 22.62
C MET A 310 7.30 1.11 22.04
N GLY A 311 6.46 2.07 22.39
CA GLY A 311 5.13 2.10 21.83
C GLY A 311 4.48 3.45 21.95
N GLY A 312 3.36 3.58 21.28
CA GLY A 312 2.64 4.83 21.28
C GLY A 312 2.43 5.31 19.84
N GLU A 313 1.83 6.47 19.79
CA GLU A 313 1.45 7.09 18.57
C GLU A 313 1.89 8.52 18.54
N ILE A 314 2.80 8.72 17.60
CA ILE A 314 3.48 9.95 17.38
C ILE A 314 2.65 11.03 16.69
N SER A 315 2.90 12.27 17.01
CA SER A 315 2.12 13.32 16.35
C SER A 315 2.72 14.72 16.48
N LEU A 316 2.55 15.48 15.42
CA LEU A 316 3.05 16.82 15.34
C LEU A 316 2.44 17.56 16.49
N ARG A 317 3.07 18.64 16.91
CA ARG A 317 2.53 19.37 18.03
C ARG A 317 3.06 20.79 18.04
C11 BTN B . -4.10 1.87 6.51
O11 BTN B . -5.23 1.26 6.30
O12 BTN B . -3.96 2.96 6.16
C10 BTN B . -3.06 1.36 7.49
C9 BTN B . -3.18 0.23 7.70
C8 BTN B . -2.88 -0.42 6.19
C7 BTN B . -3.92 -1.55 6.00
C2 BTN B . -3.37 -2.58 4.89
S1 BTN B . -4.03 -2.17 3.32
C6 BTN B . -3.48 -3.82 2.63
C5 BTN B . -3.70 -4.84 3.79
N1 BTN B . -4.99 -5.44 3.56
C3 BTN B . -5.87 -5.13 4.58
O3 BTN B . -6.97 -5.71 4.66
N2 BTN B . -5.28 -4.18 5.35
C4 BTN B . -3.96 -4.01 5.10
#